data_1LGF
#
_entry.id   1LGF
#
_cell.length_a   99.700
_cell.length_b   60.100
_cell.length_c   90.300
_cell.angle_alpha   90.00
_cell.angle_beta   122.90
_cell.angle_gamma   90.00
#
_symmetry.space_group_name_H-M   'C 1 2 1'
#
loop_
_entity.id
_entity.type
_entity.pdbx_description
1 polymer 'P450 monooxygenase'
2 non-polymer 'PROTOPORPHYRIN IX CONTAINING FE'
3 water water
#
_entity_poly.entity_id   1
_entity_poly.type   'polypeptide(L)'
_entity_poly.pdbx_seq_one_letter_code
;MSEDDPRPLHIRRQGLDPADELLAAGALTRVTIGSGADAETHWMATAHAVVRQVMGDHQQFSTRRRWDPRDEIGGKGIFR
PRELVGNLMDYDPPEHTRLRRKLTPGFTLRKMQRMAPYIEQIVNDRLDEMERAGSPADLIAFVADKVPGAVLCELVGVPR
DDRDMFMKLCHGHLDASLSQKRRAALGDKFSRYLLAMIARERKEPGEGMIGAVVAEYGDDATDEELRGFCVQVMLAGDDN
ISGMIGLGVLAMLRHPEQIDAFRGDEQSAQRAVDELIRYLTVPYSPTPRIAREDLTLAGQEIKKGDSVICSLPAANRDPA
LAPDVDRLDVTREPIPHVAFGHGVHHCLGAALARLELRTVFTELWRRFPALRLADPAQDTEFRLTTPAYGLTELMVAW
;
_entity_poly.pdbx_strand_id   A
#
loop_
_chem_comp.id
_chem_comp.type
_chem_comp.name
_chem_comp.formula
HEM non-polymer 'PROTOPORPHYRIN IX CONTAINING FE' 'C34 H32 Fe N4 O4'
#
# COMPACT_ATOMS: atom_id res chain seq x y z
N ASP A 5 2.20 -5.73 -26.71
CA ASP A 5 2.00 -6.04 -25.26
C ASP A 5 0.54 -5.81 -24.89
N PRO A 6 -0.18 -6.89 -24.52
CA PRO A 6 -1.60 -6.82 -24.15
C PRO A 6 -1.86 -6.14 -22.81
N ARG A 7 -0.86 -6.16 -21.93
CA ARG A 7 -0.99 -5.56 -20.62
C ARG A 7 -1.14 -4.04 -20.73
N PRO A 8 -2.14 -3.47 -20.04
CA PRO A 8 -2.42 -2.04 -20.03
C PRO A 8 -1.16 -1.20 -19.88
N LEU A 9 -1.16 -0.05 -20.52
CA LEU A 9 -0.02 0.85 -20.50
C LEU A 9 0.38 1.30 -19.08
N HIS A 10 -0.59 1.66 -18.26
CA HIS A 10 -0.28 2.12 -16.91
C HIS A 10 0.32 1.02 -16.02
N ILE A 11 0.27 -0.22 -16.50
CA ILE A 11 0.80 -1.35 -15.75
C ILE A 11 2.26 -1.67 -16.11
N ARG A 12 2.77 -1.03 -17.14
CA ARG A 12 4.13 -1.30 -17.61
C ARG A 12 5.24 -0.54 -16.90
N ARG A 13 6.26 -1.30 -16.50
CA ARG A 13 7.42 -0.74 -15.84
C ARG A 13 8.66 -1.21 -16.61
N GLN A 14 9.67 -0.43 -16.49
CA GLN A 14 10.98 -0.86 -17.01
C GLN A 14 12.01 -0.76 -15.89
N GLY A 15 12.30 -1.91 -15.30
CA GLY A 15 13.20 -1.91 -14.15
C GLY A 15 12.46 -1.26 -12.98
N LEU A 16 13.07 -0.25 -12.37
CA LEU A 16 12.45 0.46 -11.25
C LEU A 16 11.63 1.67 -11.72
N ASP A 17 11.63 1.91 -13.02
CA ASP A 17 10.90 3.05 -13.59
C ASP A 17 9.61 2.66 -14.37
N PRO A 18 8.81 3.67 -14.63
CA PRO A 18 7.63 3.53 -15.49
C PRO A 18 8.02 3.20 -16.89
N ALA A 19 7.31 2.41 -17.64
CA ALA A 19 7.73 2.13 -19.02
C ALA A 19 7.89 3.43 -19.80
N ASP A 20 8.80 3.42 -20.76
CA ASP A 20 9.04 4.61 -21.60
C ASP A 20 7.78 5.07 -22.29
N GLU A 21 6.98 4.13 -22.80
CA GLU A 21 5.75 4.50 -23.50
C GLU A 21 4.74 5.08 -22.54
N LEU A 22 4.85 4.70 -21.26
CA LEU A 22 3.95 5.22 -20.25
C LEU A 22 4.39 6.65 -19.96
N LEU A 23 5.70 6.83 -19.80
CA LEU A 23 6.26 8.16 -19.54
C LEU A 23 6.02 9.12 -20.72
N ALA A 24 5.91 8.56 -21.91
CA ALA A 24 5.69 9.36 -23.11
C ALA A 24 4.22 9.67 -23.37
N ALA A 25 3.33 9.06 -22.60
CA ALA A 25 1.89 9.31 -22.77
C ALA A 25 1.57 10.77 -22.40
N GLY A 26 0.59 11.36 -23.08
CA GLY A 26 0.23 12.74 -22.78
C GLY A 26 -0.38 12.90 -21.41
N ALA A 27 -0.48 14.15 -20.96
CA ALA A 27 -1.04 14.50 -19.66
C ALA A 27 -2.38 13.80 -19.40
N LEU A 28 -3.24 13.79 -20.41
CA LEU A 28 -4.54 13.16 -20.30
C LEU A 28 -4.91 12.72 -21.71
N THR A 29 -5.11 11.42 -21.88
CA THR A 29 -5.44 10.87 -23.19
C THR A 29 -6.36 9.68 -23.00
N ARG A 30 -6.90 9.15 -24.09
CA ARG A 30 -7.79 8.00 -24.01
C ARG A 30 -7.01 6.70 -24.15
N VAL A 31 -7.47 5.67 -23.45
CA VAL A 31 -6.81 4.38 -23.50
C VAL A 31 -7.85 3.27 -23.52
N THR A 32 -7.46 2.11 -24.06
CA THR A 32 -8.35 0.95 -24.16
C THR A 32 -7.72 -0.25 -23.47
N ALA A 39 -13.16 -4.95 -22.65
CA ALA A 39 -12.15 -4.04 -23.17
C ALA A 39 -12.63 -2.59 -23.07
N GLU A 40 -13.13 -2.23 -21.89
CA GLU A 40 -13.62 -0.88 -21.65
C GLU A 40 -12.54 0.17 -21.87
N THR A 41 -12.96 1.39 -22.17
CA THR A 41 -12.02 2.47 -22.40
C THR A 41 -12.20 3.58 -21.37
N HIS A 42 -11.09 4.14 -20.89
CA HIS A 42 -11.11 5.21 -19.93
C HIS A 42 -10.09 6.26 -20.30
N TRP A 43 -10.05 7.34 -19.52
CA TRP A 43 -9.09 8.36 -19.69
C TRP A 43 -7.93 8.00 -18.82
N MET A 44 -6.72 8.44 -19.15
CA MET A 44 -5.57 8.17 -18.31
C MET A 44 -4.80 9.45 -18.01
N ALA A 45 -4.65 9.74 -16.72
CA ALA A 45 -3.96 10.92 -16.25
C ALA A 45 -2.52 10.60 -15.85
N THR A 46 -1.56 11.28 -16.48
CA THR A 46 -0.16 11.05 -16.18
C THR A 46 0.55 12.29 -15.65
N ALA A 47 -0.07 13.46 -15.81
CA ALA A 47 0.55 14.71 -15.33
C ALA A 47 0.22 14.88 -13.85
N HIS A 48 1.22 15.27 -13.08
CA HIS A 48 1.07 15.47 -11.63
C HIS A 48 -0.10 16.40 -11.30
N ALA A 49 -0.19 17.53 -12.00
CA ALA A 49 -1.25 18.51 -11.77
C ALA A 49 -2.61 17.93 -12.14
N VAL A 50 -2.66 17.16 -13.21
CA VAL A 50 -3.93 16.59 -13.62
C VAL A 50 -4.37 15.53 -12.61
N VAL A 51 -3.46 14.64 -12.21
CA VAL A 51 -3.82 13.61 -11.24
C VAL A 51 -4.34 14.28 -9.95
N ARG A 52 -3.65 15.32 -9.49
CA ARG A 52 -4.09 16.04 -8.28
C ARG A 52 -5.48 16.66 -8.47
N GLN A 53 -5.74 17.18 -9.67
CA GLN A 53 -7.03 17.79 -9.93
C GLN A 53 -8.15 16.75 -9.89
N VAL A 54 -7.94 15.61 -10.52
CA VAL A 54 -8.94 14.56 -10.57
C VAL A 54 -9.20 13.97 -9.18
N MET A 55 -8.12 13.66 -8.45
CA MET A 55 -8.24 13.06 -7.12
C MET A 55 -8.69 14.01 -6.03
N GLY A 56 -8.30 15.27 -6.13
CA GLY A 56 -8.68 16.22 -5.10
C GLY A 56 -10.09 16.76 -5.24
N ASP A 57 -10.65 16.69 -6.44
CA ASP A 57 -12.01 17.20 -6.65
C ASP A 57 -13.07 16.11 -6.57
N HIS A 58 -13.48 15.76 -5.35
CA HIS A 58 -14.50 14.75 -5.16
C HIS A 58 -15.87 15.25 -5.62
N GLN A 59 -16.01 16.56 -5.78
CA GLN A 59 -17.26 17.16 -6.24
C GLN A 59 -17.54 16.76 -7.70
N GLN A 60 -16.49 16.61 -8.50
CA GLN A 60 -16.66 16.25 -9.91
C GLN A 60 -16.18 14.86 -10.30
N PHE A 61 -15.42 14.21 -9.42
CA PHE A 61 -14.93 12.86 -9.70
C PHE A 61 -15.16 11.95 -8.50
N SER A 62 -16.18 11.12 -8.58
CA SER A 62 -16.48 10.20 -7.49
C SER A 62 -15.68 8.92 -7.71
N THR A 63 -15.45 8.19 -6.62
CA THR A 63 -14.70 6.94 -6.71
C THR A 63 -15.63 5.84 -7.18
N ARG A 64 -15.14 5.04 -8.14
CA ARG A 64 -15.91 3.93 -8.70
C ARG A 64 -16.17 2.85 -7.65
N ARG A 65 -17.37 2.87 -7.10
CA ARG A 65 -17.77 1.90 -6.08
C ARG A 65 -17.56 0.47 -6.57
N ARG A 66 -17.17 -0.40 -5.64
CA ARG A 66 -16.94 -1.80 -5.94
C ARG A 66 -15.90 -1.93 -7.05
N TRP A 67 -14.62 -1.76 -6.71
CA TRP A 67 -13.54 -1.89 -7.69
C TRP A 67 -12.45 -2.83 -7.18
N ASP A 68 -11.86 -3.58 -8.10
CA ASP A 68 -10.81 -4.53 -7.76
C ASP A 68 -9.50 -4.10 -8.42
N PRO A 69 -8.43 -3.90 -7.63
CA PRO A 69 -7.11 -3.49 -8.12
C PRO A 69 -6.36 -4.57 -8.93
N ARG A 70 -7.08 -5.60 -9.39
CA ARG A 70 -6.43 -6.66 -10.17
C ARG A 70 -7.03 -6.79 -11.58
N ASP A 71 -8.15 -7.49 -11.68
CA ASP A 71 -8.84 -7.69 -12.96
C ASP A 71 -7.93 -7.95 -14.18
N GLU A 72 -7.25 -9.10 -14.24
CA GLU A 72 -6.40 -9.40 -15.41
C GLU A 72 -6.07 -10.90 -15.58
N ILE A 73 -4.77 -11.22 -15.61
CA ILE A 73 -4.28 -12.60 -15.71
C ILE A 73 -3.82 -12.97 -14.29
N GLY A 74 -4.61 -13.78 -13.59
CA GLY A 74 -4.23 -14.17 -12.24
C GLY A 74 -5.41 -14.44 -11.32
N GLY A 75 -5.73 -13.46 -10.48
CA GLY A 75 -6.84 -13.61 -9.54
C GLY A 75 -6.44 -14.34 -8.28
N LYS A 76 -5.28 -14.99 -8.32
CA LYS A 76 -4.75 -15.75 -7.19
C LYS A 76 -4.41 -14.87 -5.99
N GLY A 77 -5.25 -14.94 -4.97
CA GLY A 77 -5.03 -14.16 -3.75
C GLY A 77 -5.34 -12.68 -3.86
N ILE A 78 -6.54 -12.34 -4.34
CA ILE A 78 -6.93 -10.94 -4.48
C ILE A 78 -8.26 -10.70 -3.75
N PHE A 79 -8.55 -9.44 -3.45
CA PHE A 79 -9.77 -9.06 -2.74
C PHE A 79 -11.08 -9.54 -3.36
N ARG A 80 -12.17 -9.36 -2.61
CA ARG A 80 -13.52 -9.73 -3.03
C ARG A 80 -14.48 -8.84 -2.23
N PRO A 81 -14.77 -7.67 -2.77
CA PRO A 81 -15.63 -6.69 -2.12
C PRO A 81 -17.01 -7.19 -1.71
N ARG A 82 -17.85 -7.45 -2.69
CA ARG A 82 -19.22 -7.91 -2.42
C ARG A 82 -19.91 -6.73 -1.74
N GLU A 83 -19.43 -5.52 -2.00
CA GLU A 83 -19.96 -4.30 -1.41
C GLU A 83 -19.81 -4.41 0.10
N LEU A 84 -18.61 -4.14 0.58
CA LEU A 84 -18.34 -4.22 2.01
C LEU A 84 -18.55 -2.86 2.70
N VAL A 85 -19.47 -2.82 3.66
CA VAL A 85 -19.72 -1.58 4.39
C VAL A 85 -18.47 -1.26 5.19
N GLY A 86 -18.22 0.02 5.40
CA GLY A 86 -17.03 0.40 6.16
C GLY A 86 -15.82 0.43 5.25
N ASN A 87 -16.05 0.45 3.94
CA ASN A 87 -14.95 0.51 3.01
C ASN A 87 -14.85 1.93 2.48
N LEU A 88 -14.04 2.73 3.17
CA LEU A 88 -13.84 4.13 2.84
C LEU A 88 -13.76 4.45 1.36
N MET A 89 -13.19 3.53 0.60
CA MET A 89 -13.00 3.71 -0.84
C MET A 89 -14.32 3.73 -1.63
N ASP A 90 -15.32 3.03 -1.12
CA ASP A 90 -16.64 2.94 -1.78
C ASP A 90 -17.57 4.06 -1.40
N TYR A 91 -17.02 5.17 -0.92
CA TYR A 91 -17.85 6.29 -0.53
C TYR A 91 -17.21 7.64 -0.82
N ASP A 92 -18.05 8.67 -0.82
CA ASP A 92 -17.58 10.03 -1.03
C ASP A 92 -18.27 10.95 -0.03
N PRO A 93 -17.67 12.12 0.24
CA PRO A 93 -18.29 13.04 1.21
C PRO A 93 -19.75 13.31 0.84
N PRO A 94 -20.60 13.57 1.84
CA PRO A 94 -20.26 13.62 3.27
C PRO A 94 -20.22 12.23 3.93
N GLU A 95 -20.71 11.22 3.21
CA GLU A 95 -20.74 9.86 3.73
C GLU A 95 -19.32 9.38 4.06
N HIS A 96 -18.40 9.59 3.12
CA HIS A 96 -17.03 9.18 3.34
C HIS A 96 -16.45 9.82 4.58
N THR A 97 -16.77 11.09 4.76
CA THR A 97 -16.28 11.84 5.91
C THR A 97 -16.73 11.25 7.23
N ARG A 98 -17.94 10.66 7.23
CA ARG A 98 -18.52 10.06 8.42
C ARG A 98 -17.78 8.77 8.75
N LEU A 99 -17.60 7.94 7.75
CA LEU A 99 -16.90 6.68 7.93
C LEU A 99 -15.42 6.93 8.32
N ARG A 100 -14.76 7.82 7.58
CA ARG A 100 -13.35 8.12 7.84
C ARG A 100 -13.13 8.55 9.28
N ARG A 101 -13.90 9.55 9.69
CA ARG A 101 -13.83 10.08 11.04
C ARG A 101 -14.01 8.95 12.06
N LYS A 102 -14.83 7.97 11.71
CA LYS A 102 -15.10 6.85 12.60
C LYS A 102 -13.91 5.89 12.76
N LEU A 103 -13.11 5.73 11.72
CA LEU A 103 -11.96 4.83 11.75
C LEU A 103 -10.65 5.54 12.11
N THR A 104 -10.66 6.86 12.05
CA THR A 104 -9.48 7.66 12.33
C THR A 104 -8.83 7.45 13.71
N PRO A 105 -9.63 7.22 14.75
CA PRO A 105 -9.05 7.03 16.08
C PRO A 105 -7.91 6.01 16.16
N GLY A 106 -7.89 5.05 15.25
CA GLY A 106 -6.83 4.06 15.26
C GLY A 106 -5.58 4.44 14.52
N PHE A 107 -5.57 5.58 13.85
CA PHE A 107 -4.38 5.96 13.11
C PHE A 107 -3.77 7.29 13.50
N THR A 108 -4.17 7.82 14.65
CA THR A 108 -3.60 9.10 15.08
C THR A 108 -2.09 8.96 15.18
N LEU A 109 -1.37 10.06 14.96
CA LEU A 109 0.08 10.03 15.04
C LEU A 109 0.60 9.55 16.39
N ARG A 110 -0.11 9.87 17.46
CA ARG A 110 0.30 9.43 18.79
C ARG A 110 0.20 7.90 18.83
N LYS A 111 -0.85 7.36 18.23
CA LYS A 111 -1.02 5.92 18.15
C LYS A 111 0.17 5.31 17.38
N MET A 112 0.56 5.97 16.30
CA MET A 112 1.68 5.49 15.48
C MET A 112 3.00 5.52 16.26
N GLN A 113 3.25 6.60 16.99
CA GLN A 113 4.46 6.69 17.79
C GLN A 113 4.56 5.49 18.74
N ARG A 114 3.44 5.15 19.38
CA ARG A 114 3.44 4.03 20.31
C ARG A 114 3.69 2.70 19.60
N MET A 115 3.37 2.61 18.31
CA MET A 115 3.60 1.39 17.55
C MET A 115 5.07 1.19 17.21
N ALA A 116 5.84 2.28 17.17
CA ALA A 116 7.26 2.21 16.82
C ALA A 116 8.00 1.04 17.46
N PRO A 117 7.93 0.91 18.81
CA PRO A 117 8.61 -0.16 19.55
C PRO A 117 8.20 -1.57 19.08
N TYR A 118 6.90 -1.75 18.82
CA TYR A 118 6.41 -3.04 18.37
C TYR A 118 6.87 -3.37 16.95
N ILE A 119 6.89 -2.37 16.09
CA ILE A 119 7.33 -2.59 14.72
C ILE A 119 8.80 -3.01 14.72
N GLU A 120 9.60 -2.37 15.57
CA GLU A 120 11.01 -2.72 15.68
C GLU A 120 11.20 -4.18 16.12
N GLN A 121 10.42 -4.59 17.12
CA GLN A 121 10.45 -5.95 17.66
C GLN A 121 10.14 -6.95 16.52
N ILE A 122 9.06 -6.67 15.79
CA ILE A 122 8.64 -7.50 14.66
C ILE A 122 9.72 -7.54 13.58
N VAL A 123 10.26 -6.40 13.23
CA VAL A 123 11.30 -6.34 12.21
C VAL A 123 12.52 -7.17 12.65
N ASN A 124 12.98 -6.98 13.88
CA ASN A 124 14.13 -7.72 14.36
C ASN A 124 13.91 -9.23 14.44
N ASP A 125 12.68 -9.65 14.77
CA ASP A 125 12.34 -11.06 14.84
C ASP A 125 12.47 -11.71 13.44
N ARG A 126 12.05 -10.99 12.40
CA ARG A 126 12.16 -11.53 11.03
C ARG A 126 13.62 -11.53 10.61
N LEU A 127 14.34 -10.48 10.99
CA LEU A 127 15.76 -10.37 10.66
C LEU A 127 16.55 -11.48 11.39
N ASP A 128 16.07 -11.89 12.57
CA ASP A 128 16.74 -12.94 13.33
C ASP A 128 16.65 -14.24 12.53
N GLU A 129 15.48 -14.50 11.96
CA GLU A 129 15.24 -15.70 11.17
C GLU A 129 16.09 -15.68 9.91
N MET A 130 16.30 -14.50 9.34
CA MET A 130 17.12 -14.45 8.13
C MET A 130 18.58 -14.65 8.51
N GLU A 131 19.01 -14.00 9.59
CA GLU A 131 20.39 -14.15 10.04
C GLU A 131 20.68 -15.63 10.38
N ARG A 132 19.71 -16.30 11.00
CA ARG A 132 19.90 -17.70 11.35
C ARG A 132 20.03 -18.58 10.11
N ALA A 133 19.36 -18.22 9.03
CA ALA A 133 19.43 -18.98 7.80
C ALA A 133 20.81 -18.85 7.16
N GLY A 134 21.52 -17.78 7.50
CA GLY A 134 22.85 -17.57 6.95
C GLY A 134 22.89 -16.92 5.57
N SER A 135 23.98 -16.21 5.29
CA SER A 135 24.14 -15.54 4.00
C SER A 135 24.64 -16.54 2.96
N PRO A 136 24.08 -16.50 1.73
CA PRO A 136 23.04 -15.57 1.27
C PRO A 136 21.63 -16.10 1.53
N ALA A 137 20.67 -15.18 1.64
CA ALA A 137 19.28 -15.55 1.88
C ALA A 137 18.31 -14.65 1.12
N ASP A 138 17.09 -15.12 0.96
CA ASP A 138 16.04 -14.39 0.24
C ASP A 138 15.35 -13.40 1.17
N LEU A 139 15.70 -12.13 1.03
CA LEU A 139 15.12 -11.09 1.86
C LEU A 139 13.60 -10.97 1.70
N ILE A 140 13.08 -11.38 0.55
CA ILE A 140 11.64 -11.29 0.34
C ILE A 140 10.87 -12.31 1.17
N ALA A 141 11.35 -13.55 1.18
CA ALA A 141 10.67 -14.61 1.93
C ALA A 141 10.73 -14.38 3.44
N PHE A 142 11.90 -13.95 3.92
CA PHE A 142 12.09 -13.73 5.34
C PHE A 142 11.57 -12.42 5.89
N VAL A 143 11.67 -11.34 5.10
CA VAL A 143 11.30 -10.03 5.60
C VAL A 143 10.15 -9.33 4.89
N ALA A 144 10.36 -9.01 3.63
CA ALA A 144 9.37 -8.30 2.85
C ALA A 144 7.97 -8.91 2.91
N ASP A 145 7.87 -10.23 2.76
CA ASP A 145 6.54 -10.84 2.80
C ASP A 145 5.97 -11.14 4.18
N LYS A 146 6.75 -10.96 5.24
CA LYS A 146 6.32 -11.25 6.61
C LYS A 146 5.99 -10.06 7.51
N VAL A 147 6.83 -9.04 7.49
CA VAL A 147 6.62 -7.88 8.33
C VAL A 147 5.30 -7.15 8.12
N PRO A 148 4.91 -6.84 6.87
CA PRO A 148 3.64 -6.14 6.67
C PRO A 148 2.42 -6.73 7.36
N GLY A 149 2.21 -8.02 7.16
CA GLY A 149 1.05 -8.66 7.76
C GLY A 149 1.12 -8.69 9.28
N ALA A 150 2.32 -8.90 9.84
CA ALA A 150 2.47 -8.92 11.30
C ALA A 150 2.17 -7.51 11.85
N VAL A 151 2.68 -6.49 11.15
CA VAL A 151 2.46 -5.11 11.56
C VAL A 151 0.98 -4.79 11.59
N LEU A 152 0.24 -5.22 10.56
CA LEU A 152 -1.20 -5.00 10.49
C LEU A 152 -1.94 -5.72 11.63
N CYS A 153 -1.51 -6.92 11.96
CA CYS A 153 -2.12 -7.68 13.05
C CYS A 153 -1.93 -6.94 14.37
N GLU A 154 -0.75 -6.37 14.54
CA GLU A 154 -0.43 -5.63 15.74
C GLU A 154 -1.32 -4.39 15.83
N LEU A 155 -1.49 -3.71 14.69
CA LEU A 155 -2.31 -2.51 14.60
C LEU A 155 -3.76 -2.80 14.96
N VAL A 156 -4.29 -3.85 14.37
CA VAL A 156 -5.67 -4.25 14.58
C VAL A 156 -5.94 -4.71 16.01
N GLY A 157 -4.96 -5.36 16.65
CA GLY A 157 -5.17 -5.83 18.02
C GLY A 157 -5.22 -7.35 18.12
N VAL A 158 -4.72 -8.02 17.09
CA VAL A 158 -4.71 -9.49 17.06
C VAL A 158 -3.59 -10.08 17.92
N PRO A 159 -3.96 -10.99 18.82
CA PRO A 159 -2.99 -11.65 19.70
C PRO A 159 -1.82 -12.18 18.88
N ARG A 160 -0.62 -12.08 19.44
CA ARG A 160 0.58 -12.55 18.75
C ARG A 160 0.42 -13.99 18.27
N ASP A 161 -0.09 -14.87 19.12
CA ASP A 161 -0.22 -16.28 18.75
C ASP A 161 -1.34 -16.61 17.77
N ASP A 162 -2.14 -15.62 17.40
CA ASP A 162 -3.21 -15.88 16.47
C ASP A 162 -2.96 -15.26 15.11
N ARG A 163 -1.90 -14.48 15.02
CA ARG A 163 -1.57 -13.80 13.79
C ARG A 163 -1.50 -14.67 12.54
N ASP A 164 -0.79 -15.79 12.62
CA ASP A 164 -0.68 -16.69 11.48
C ASP A 164 -2.06 -17.20 11.10
N MET A 165 -2.79 -17.69 12.09
CA MET A 165 -4.14 -18.15 11.80
C MET A 165 -5.01 -17.04 11.20
N PHE A 166 -4.99 -15.87 11.84
CA PHE A 166 -5.78 -14.72 11.39
C PHE A 166 -5.47 -14.35 9.93
N MET A 167 -4.20 -14.38 9.57
CA MET A 167 -3.81 -14.06 8.20
C MET A 167 -4.50 -15.02 7.22
N LYS A 168 -4.39 -16.31 7.51
CA LYS A 168 -4.97 -17.34 6.67
C LYS A 168 -6.48 -17.19 6.55
N LEU A 169 -7.15 -16.92 7.67
CA LEU A 169 -8.60 -16.75 7.63
C LEU A 169 -9.03 -15.50 6.85
N CYS A 170 -8.28 -14.41 7.03
CA CYS A 170 -8.63 -13.17 6.36
C CYS A 170 -8.48 -13.28 4.85
N HIS A 171 -7.30 -13.70 4.41
CA HIS A 171 -7.05 -13.85 2.99
C HIS A 171 -7.88 -15.00 2.43
N GLY A 172 -7.85 -16.14 3.11
CA GLY A 172 -8.58 -17.31 2.68
C GLY A 172 -10.05 -17.13 2.36
N HIS A 173 -10.79 -16.44 3.21
CA HIS A 173 -12.21 -16.28 2.95
C HIS A 173 -12.50 -15.35 1.77
N LEU A 174 -11.44 -14.86 1.14
CA LEU A 174 -11.55 -13.98 -0.02
C LEU A 174 -10.72 -14.50 -1.19
N ASP A 175 -10.14 -15.69 -1.02
CA ASP A 175 -9.30 -16.28 -2.06
C ASP A 175 -10.19 -17.05 -3.04
N ALA A 176 -10.34 -16.50 -4.24
CA ALA A 176 -11.17 -17.13 -5.28
C ALA A 176 -10.62 -18.50 -5.69
N SER A 177 -9.32 -18.57 -5.91
CA SER A 177 -8.66 -19.81 -6.30
C SER A 177 -9.01 -21.01 -5.40
N LEU A 178 -9.74 -20.76 -4.33
CA LEU A 178 -10.12 -21.82 -3.40
C LEU A 178 -11.50 -22.38 -3.73
N SER A 179 -11.80 -23.57 -3.22
CA SER A 179 -13.11 -24.16 -3.46
C SER A 179 -14.12 -23.36 -2.64
N GLN A 180 -15.38 -23.43 -3.03
CA GLN A 180 -16.43 -22.70 -2.31
C GLN A 180 -16.62 -23.30 -0.93
N LYS A 181 -16.40 -24.60 -0.82
CA LYS A 181 -16.54 -25.29 0.45
C LYS A 181 -15.48 -24.80 1.44
N ARG A 182 -14.27 -24.57 0.93
CA ARG A 182 -13.17 -24.10 1.74
C ARG A 182 -13.28 -22.62 2.12
N ARG A 183 -13.51 -21.78 1.13
CA ARG A 183 -13.63 -20.35 1.36
C ARG A 183 -14.73 -20.07 2.38
N ALA A 184 -15.82 -20.83 2.29
CA ALA A 184 -16.95 -20.65 3.19
C ALA A 184 -16.61 -21.11 4.61
N ALA A 185 -15.80 -22.15 4.72
CA ALA A 185 -15.40 -22.66 6.02
C ALA A 185 -14.48 -21.62 6.68
N LEU A 186 -13.58 -21.05 5.88
CA LEU A 186 -12.64 -20.04 6.36
C LEU A 186 -13.35 -18.74 6.73
N GLY A 187 -14.41 -18.43 6.00
CA GLY A 187 -15.16 -17.22 6.26
C GLY A 187 -15.96 -17.35 7.53
N ASP A 188 -16.46 -18.55 7.80
CA ASP A 188 -17.24 -18.80 8.99
C ASP A 188 -16.36 -18.56 10.20
N LYS A 189 -15.21 -19.22 10.24
CA LYS A 189 -14.27 -19.09 11.33
C LYS A 189 -13.76 -17.66 11.47
N PHE A 190 -13.53 -17.00 10.33
CA PHE A 190 -13.05 -15.64 10.34
C PHE A 190 -14.00 -14.68 11.05
N SER A 191 -15.26 -14.68 10.63
CA SER A 191 -16.24 -13.78 11.22
C SER A 191 -16.41 -14.11 12.68
N ARG A 192 -16.42 -15.40 13.00
CA ARG A 192 -16.58 -15.83 14.36
C ARG A 192 -15.46 -15.26 15.22
N TYR A 193 -14.23 -15.39 14.73
CA TYR A 193 -13.07 -14.89 15.45
C TYR A 193 -13.14 -13.36 15.58
N LEU A 194 -13.52 -12.72 14.48
CA LEU A 194 -13.62 -11.27 14.42
C LEU A 194 -14.66 -10.74 15.39
N LEU A 195 -15.80 -11.42 15.44
CA LEU A 195 -16.88 -11.01 16.30
C LEU A 195 -16.48 -11.13 17.77
N ALA A 196 -15.75 -12.19 18.11
CA ALA A 196 -15.30 -12.40 19.49
C ALA A 196 -14.26 -11.33 19.88
N MET A 197 -13.42 -10.96 18.92
CA MET A 197 -12.41 -9.94 19.15
C MET A 197 -13.14 -8.62 19.37
N ILE A 198 -14.08 -8.32 18.50
CA ILE A 198 -14.85 -7.09 18.64
C ILE A 198 -15.57 -7.02 20.00
N ALA A 199 -16.15 -8.12 20.44
CA ALA A 199 -16.86 -8.14 21.72
C ALA A 199 -15.88 -7.84 22.87
N ARG A 200 -14.70 -8.44 22.83
CA ARG A 200 -13.70 -8.18 23.87
C ARG A 200 -13.29 -6.68 23.89
N GLU A 201 -13.16 -6.09 22.70
CA GLU A 201 -12.76 -4.69 22.61
C GLU A 201 -13.82 -3.72 23.15
N ARG A 202 -15.09 -4.09 23.00
CA ARG A 202 -16.18 -3.26 23.49
C ARG A 202 -16.26 -3.38 25.01
N LYS A 203 -15.90 -4.55 25.53
CA LYS A 203 -15.94 -4.78 26.96
C LYS A 203 -14.82 -3.97 27.63
N GLU A 204 -13.63 -4.04 27.04
CA GLU A 204 -12.49 -3.33 27.59
C GLU A 204 -11.56 -2.93 26.45
N PRO A 205 -11.76 -1.74 25.89
CA PRO A 205 -10.95 -1.22 24.78
C PRO A 205 -9.45 -1.31 24.98
N GLY A 206 -8.75 -1.83 23.98
CA GLY A 206 -7.30 -1.93 24.04
C GLY A 206 -6.74 -0.81 23.18
N GLU A 207 -5.43 -0.77 23.04
CA GLU A 207 -4.78 0.27 22.23
C GLU A 207 -4.88 0.02 20.72
N GLY A 208 -5.40 -1.15 20.36
CA GLY A 208 -5.51 -1.46 18.95
C GLY A 208 -6.53 -0.62 18.20
N MET A 209 -6.54 -0.79 16.89
CA MET A 209 -7.43 -0.09 15.99
C MET A 209 -8.90 -0.24 16.40
N ILE A 210 -9.32 -1.46 16.69
CA ILE A 210 -10.71 -1.66 17.05
C ILE A 210 -11.03 -1.03 18.40
N GLY A 211 -10.17 -1.26 19.39
CA GLY A 211 -10.40 -0.69 20.70
C GLY A 211 -10.46 0.83 20.65
N ALA A 212 -9.63 1.44 19.81
CA ALA A 212 -9.62 2.89 19.69
C ALA A 212 -10.94 3.40 19.13
N VAL A 213 -11.46 2.71 18.13
CA VAL A 213 -12.71 3.10 17.51
C VAL A 213 -13.88 2.92 18.48
N VAL A 214 -13.96 1.76 19.12
CA VAL A 214 -15.07 1.54 20.02
C VAL A 214 -14.97 2.40 21.28
N ALA A 215 -13.75 2.75 21.68
CA ALA A 215 -13.58 3.58 22.87
C ALA A 215 -14.15 4.95 22.59
N GLU A 216 -13.94 5.45 21.39
CA GLU A 216 -14.42 6.78 21.02
C GLU A 216 -15.87 6.83 20.62
N TYR A 217 -16.32 5.88 19.80
CA TYR A 217 -17.69 5.89 19.33
C TYR A 217 -18.63 4.81 19.82
N GLY A 218 -18.15 3.96 20.71
CA GLY A 218 -18.98 2.88 21.23
C GLY A 218 -19.84 2.15 20.22
N ASP A 219 -21.11 1.99 20.54
CA ASP A 219 -22.04 1.28 19.67
C ASP A 219 -22.31 1.97 18.34
N ASP A 220 -22.00 3.26 18.22
CA ASP A 220 -22.19 3.97 16.95
C ASP A 220 -21.41 3.24 15.83
N ALA A 221 -20.33 2.57 16.23
CA ALA A 221 -19.51 1.79 15.30
C ALA A 221 -20.07 0.37 15.37
N THR A 222 -20.83 -0.02 14.35
CA THR A 222 -21.44 -1.34 14.34
C THR A 222 -20.42 -2.44 14.06
N ASP A 223 -20.80 -3.69 14.31
CA ASP A 223 -19.88 -4.79 14.07
C ASP A 223 -19.56 -4.88 12.59
N GLU A 224 -20.56 -4.64 11.75
CA GLU A 224 -20.37 -4.69 10.31
C GLU A 224 -19.31 -3.68 9.88
N GLU A 225 -19.41 -2.47 10.43
CA GLU A 225 -18.44 -1.44 10.11
C GLU A 225 -17.05 -1.87 10.53
N LEU A 226 -16.92 -2.33 11.78
CA LEU A 226 -15.63 -2.77 12.29
C LEU A 226 -15.06 -3.93 11.48
N ARG A 227 -15.93 -4.84 11.06
CA ARG A 227 -15.49 -5.98 10.26
C ARG A 227 -14.98 -5.43 8.93
N GLY A 228 -15.75 -4.49 8.38
CA GLY A 228 -15.38 -3.88 7.11
C GLY A 228 -14.03 -3.18 7.24
N PHE A 229 -13.87 -2.38 8.30
CA PHE A 229 -12.62 -1.67 8.50
C PHE A 229 -11.44 -2.65 8.57
N CYS A 230 -11.57 -3.70 9.36
CA CYS A 230 -10.49 -4.68 9.52
C CYS A 230 -10.00 -5.28 8.21
N VAL A 231 -10.94 -5.76 7.40
CA VAL A 231 -10.59 -6.38 6.13
C VAL A 231 -9.93 -5.35 5.22
N GLN A 232 -10.58 -4.21 5.06
CA GLN A 232 -10.05 -3.15 4.20
C GLN A 232 -8.62 -2.78 4.58
N VAL A 233 -8.38 -2.62 5.87
CA VAL A 233 -7.05 -2.28 6.35
C VAL A 233 -6.09 -3.44 6.09
N MET A 234 -6.53 -4.67 6.33
CA MET A 234 -5.67 -5.83 6.12
C MET A 234 -5.24 -5.96 4.64
N LEU A 235 -6.13 -5.60 3.74
CA LEU A 235 -5.83 -5.67 2.31
C LEU A 235 -5.09 -4.46 1.76
N ALA A 236 -5.31 -3.30 2.37
CA ALA A 236 -4.65 -2.10 1.90
C ALA A 236 -3.19 -1.93 2.32
N GLY A 237 -2.80 -2.52 3.46
CA GLY A 237 -1.43 -2.30 3.93
C GLY A 237 -0.45 -3.45 3.85
N ASP A 238 -0.67 -4.40 2.94
CA ASP A 238 0.22 -5.54 2.85
C ASP A 238 1.11 -5.49 1.61
N ASP A 239 0.52 -5.69 0.43
CA ASP A 239 1.27 -5.68 -0.82
C ASP A 239 2.07 -4.42 -1.04
N ASN A 240 1.46 -3.27 -0.76
CA ASN A 240 2.16 -2.01 -0.94
C ASN A 240 3.47 -2.03 -0.17
N ILE A 241 3.42 -2.50 1.08
CA ILE A 241 4.62 -2.52 1.93
C ILE A 241 5.62 -3.58 1.50
N SER A 242 5.17 -4.81 1.24
CA SER A 242 6.13 -5.84 0.81
C SER A 242 6.81 -5.36 -0.46
N GLY A 243 6.04 -4.72 -1.34
CA GLY A 243 6.64 -4.22 -2.58
C GLY A 243 7.69 -3.17 -2.26
N MET A 244 7.37 -2.23 -1.37
CA MET A 244 8.35 -1.20 -1.01
C MET A 244 9.60 -1.74 -0.35
N ILE A 245 9.46 -2.74 0.52
CA ILE A 245 10.63 -3.31 1.20
C ILE A 245 11.56 -3.95 0.16
N GLY A 246 11.00 -4.78 -0.71
CA GLY A 246 11.81 -5.43 -1.73
C GLY A 246 12.45 -4.46 -2.72
N LEU A 247 11.64 -3.67 -3.41
CA LEU A 247 12.17 -2.73 -4.39
C LEU A 247 13.05 -1.71 -3.69
N GLY A 248 12.64 -1.34 -2.48
CA GLY A 248 13.38 -0.35 -1.70
C GLY A 248 14.81 -0.79 -1.40
N VAL A 249 14.96 -2.04 -0.98
CA VAL A 249 16.29 -2.54 -0.70
C VAL A 249 17.08 -2.64 -2.00
N LEU A 250 16.42 -3.00 -3.08
CA LEU A 250 17.12 -3.14 -4.36
C LEU A 250 17.59 -1.77 -4.80
N ALA A 251 16.71 -0.80 -4.70
CA ALA A 251 17.04 0.57 -5.10
C ALA A 251 18.21 1.10 -4.28
N MET A 252 18.25 0.81 -2.99
CA MET A 252 19.33 1.29 -2.15
C MET A 252 20.62 0.59 -2.47
N LEU A 253 20.55 -0.72 -2.74
CA LEU A 253 21.77 -1.42 -3.06
C LEU A 253 22.32 -0.92 -4.38
N ARG A 254 21.49 -0.33 -5.22
CA ARG A 254 21.99 0.18 -6.49
C ARG A 254 22.57 1.58 -6.37
N HIS A 255 22.38 2.19 -5.20
CA HIS A 255 22.90 3.52 -4.90
C HIS A 255 23.36 3.44 -3.46
N PRO A 256 24.34 2.57 -3.19
CA PRO A 256 24.93 2.33 -1.87
C PRO A 256 25.39 3.53 -1.05
N GLU A 257 25.81 4.57 -1.75
CA GLU A 257 26.26 5.76 -1.06
C GLU A 257 25.08 6.42 -0.33
N GLN A 258 23.88 6.25 -0.88
CA GLN A 258 22.68 6.84 -0.29
C GLN A 258 22.19 6.09 0.97
N ILE A 259 22.81 4.94 1.24
CA ILE A 259 22.46 4.15 2.42
C ILE A 259 22.87 4.92 3.68
N ASP A 260 23.75 5.89 3.53
CA ASP A 260 24.15 6.68 4.69
C ASP A 260 22.96 7.41 5.31
N ALA A 261 21.90 7.65 4.52
CA ALA A 261 20.71 8.32 5.07
C ALA A 261 20.02 7.46 6.11
N PHE A 262 20.42 6.20 6.20
CA PHE A 262 19.82 5.33 7.21
C PHE A 262 20.80 5.07 8.35
N ARG A 263 21.99 5.68 8.26
CA ARG A 263 23.03 5.54 9.29
C ARG A 263 23.13 6.82 10.10
N GLY A 264 22.09 7.65 10.07
CA GLY A 264 22.15 8.91 10.80
C GLY A 264 20.94 9.21 11.65
N ASP A 265 20.46 10.43 11.60
CA ASP A 265 19.30 10.82 12.40
C ASP A 265 18.01 10.24 11.83
N GLU A 266 16.90 10.51 12.51
CA GLU A 266 15.59 10.01 12.09
C GLU A 266 15.06 10.76 10.86
N GLN A 267 15.25 12.08 10.86
CA GLN A 267 14.81 12.95 9.77
C GLN A 267 15.41 12.50 8.45
N SER A 268 16.68 12.11 8.50
CA SER A 268 17.37 11.65 7.31
C SER A 268 16.79 10.34 6.78
N ALA A 269 16.40 9.46 7.69
CA ALA A 269 15.82 8.18 7.31
C ALA A 269 14.44 8.45 6.76
N GLN A 270 13.71 9.35 7.41
CA GLN A 270 12.37 9.72 6.98
C GLN A 270 12.38 10.26 5.55
N ARG A 271 13.29 11.19 5.27
CA ARG A 271 13.40 11.78 3.94
C ARG A 271 13.71 10.69 2.88
N ALA A 272 14.60 9.76 3.22
CA ALA A 272 14.97 8.67 2.32
C ALA A 272 13.73 7.83 2.00
N VAL A 273 12.98 7.45 3.03
CA VAL A 273 11.77 6.69 2.85
C VAL A 273 10.80 7.41 1.92
N ASP A 274 10.54 8.70 2.15
CA ASP A 274 9.64 9.48 1.30
C ASP A 274 10.08 9.43 -0.16
N GLU A 275 11.37 9.64 -0.38
CA GLU A 275 11.95 9.63 -1.71
C GLU A 275 11.81 8.25 -2.36
N LEU A 276 12.08 7.20 -1.59
CA LEU A 276 11.95 5.85 -2.10
C LEU A 276 10.51 5.60 -2.51
N ILE A 277 9.58 6.07 -1.68
CA ILE A 277 8.15 5.90 -1.97
C ILE A 277 7.78 6.62 -3.28
N ARG A 278 8.34 7.81 -3.50
CA ARG A 278 8.05 8.59 -4.71
C ARG A 278 8.68 7.90 -5.92
N TYR A 279 9.95 7.59 -5.79
CA TYR A 279 10.68 6.97 -6.86
C TYR A 279 10.13 5.63 -7.32
N LEU A 280 9.69 4.81 -6.38
CA LEU A 280 9.22 3.49 -6.72
C LEU A 280 7.71 3.39 -6.98
N THR A 281 6.95 4.32 -6.42
CA THR A 281 5.48 4.35 -6.53
C THR A 281 4.93 2.97 -6.86
N VAL A 282 4.85 2.10 -5.86
CA VAL A 282 4.36 0.74 -6.11
C VAL A 282 2.94 0.60 -6.65
N PRO A 283 2.01 1.51 -6.28
CA PRO A 283 0.65 1.36 -6.82
C PRO A 283 0.62 1.85 -8.26
N TYR A 284 0.05 1.07 -9.17
CA TYR A 284 -0.02 1.51 -10.57
C TYR A 284 -0.99 2.65 -10.69
N SER A 285 -2.07 2.58 -9.92
CA SER A 285 -3.09 3.62 -9.95
C SER A 285 -4.04 3.48 -8.77
N PRO A 286 -4.76 4.56 -8.45
CA PRO A 286 -5.71 4.55 -7.34
C PRO A 286 -7.05 4.02 -7.84
N THR A 287 -8.09 4.17 -7.03
CA THR A 287 -9.40 3.72 -7.43
C THR A 287 -9.86 4.58 -8.62
N PRO A 288 -10.44 3.96 -9.65
CA PRO A 288 -10.90 4.75 -10.80
C PRO A 288 -11.85 5.88 -10.37
N ARG A 289 -11.72 7.03 -11.02
CA ARG A 289 -12.58 8.17 -10.73
C ARG A 289 -13.59 8.35 -11.88
N ILE A 290 -14.83 8.61 -11.51
CA ILE A 290 -15.90 8.79 -12.49
C ILE A 290 -16.40 10.24 -12.46
N ALA A 291 -16.39 10.90 -13.62
CA ALA A 291 -16.85 12.28 -13.70
C ALA A 291 -18.35 12.31 -13.42
N ARG A 292 -18.74 13.05 -12.40
CA ARG A 292 -20.13 13.16 -12.00
C ARG A 292 -20.90 14.12 -12.91
N GLU A 293 -20.19 14.68 -13.89
CA GLU A 293 -20.81 15.59 -14.83
C GLU A 293 -19.85 15.83 -15.99
N ASP A 294 -20.29 16.57 -16.99
CA ASP A 294 -19.45 16.87 -18.14
C ASP A 294 -18.51 18.00 -17.74
N LEU A 295 -17.26 17.93 -18.16
CA LEU A 295 -16.29 18.97 -17.82
C LEU A 295 -15.10 18.94 -18.77
N THR A 296 -14.32 20.02 -18.77
CA THR A 296 -13.15 20.11 -19.62
C THR A 296 -11.87 20.16 -18.78
N LEU A 297 -11.09 19.08 -18.84
CA LEU A 297 -9.84 18.98 -18.09
C LEU A 297 -8.65 18.79 -19.02
N ALA A 298 -7.60 19.58 -18.77
CA ALA A 298 -6.38 19.52 -19.57
C ALA A 298 -6.65 19.62 -21.06
N GLY A 299 -7.72 20.33 -21.41
CA GLY A 299 -8.08 20.51 -22.80
C GLY A 299 -9.00 19.44 -23.36
N GLN A 300 -9.17 18.35 -22.63
CA GLN A 300 -10.03 17.26 -23.07
C GLN A 300 -11.48 17.51 -22.65
N GLU A 301 -12.41 16.90 -23.40
CA GLU A 301 -13.83 17.03 -23.10
C GLU A 301 -14.28 15.77 -22.39
N ILE A 302 -14.41 15.85 -21.06
CA ILE A 302 -14.84 14.72 -20.28
C ILE A 302 -16.34 14.77 -20.12
N LYS A 303 -16.97 13.63 -20.37
CA LYS A 303 -18.41 13.54 -20.29
C LYS A 303 -18.85 12.73 -19.08
N LYS A 304 -19.98 13.13 -18.49
CA LYS A 304 -20.52 12.44 -17.33
C LYS A 304 -20.48 10.93 -17.54
N GLY A 305 -19.96 10.22 -16.55
CA GLY A 305 -19.87 8.76 -16.65
C GLY A 305 -18.53 8.29 -17.15
N ASP A 306 -17.68 9.22 -17.56
CA ASP A 306 -16.36 8.86 -18.04
C ASP A 306 -15.47 8.39 -16.90
N SER A 307 -14.67 7.37 -17.18
CA SER A 307 -13.76 6.81 -16.19
C SER A 307 -12.36 7.40 -16.33
N VAL A 308 -11.73 7.71 -15.21
CA VAL A 308 -10.37 8.25 -15.26
C VAL A 308 -9.40 7.43 -14.39
N ILE A 309 -8.39 6.89 -15.04
CA ILE A 309 -7.38 6.10 -14.35
C ILE A 309 -6.17 7.02 -14.18
N CYS A 310 -5.71 7.15 -12.93
CA CYS A 310 -4.57 8.02 -12.63
C CYS A 310 -3.29 7.23 -12.54
N SER A 311 -2.28 7.63 -13.30
CA SER A 311 -1.02 6.91 -13.24
C SER A 311 -0.11 7.60 -12.22
N LEU A 312 -0.12 7.08 -11.00
CA LEU A 312 0.69 7.65 -9.92
C LEU A 312 2.19 7.56 -10.23
N PRO A 313 2.62 6.42 -10.82
CA PRO A 313 4.06 6.32 -11.12
C PRO A 313 4.50 7.37 -12.14
N ALA A 314 3.69 7.56 -13.18
CA ALA A 314 4.04 8.54 -14.21
C ALA A 314 3.93 9.93 -13.61
N ALA A 315 2.86 10.17 -12.89
CA ALA A 315 2.70 11.49 -12.25
C ALA A 315 3.92 11.83 -11.34
N ASN A 316 4.48 10.84 -10.65
CA ASN A 316 5.61 11.06 -9.75
C ASN A 316 6.93 11.18 -10.51
N ARG A 317 6.84 11.12 -11.83
CA ARG A 317 8.00 11.28 -12.69
C ARG A 317 7.72 12.46 -13.63
N ASP A 318 6.71 13.25 -13.31
CA ASP A 318 6.36 14.43 -14.11
C ASP A 318 7.62 15.31 -14.22
N PRO A 319 8.10 15.56 -15.44
CA PRO A 319 9.30 16.40 -15.59
C PRO A 319 9.17 17.82 -15.05
N ALA A 320 7.95 18.23 -14.73
CA ALA A 320 7.71 19.55 -14.19
C ALA A 320 8.17 19.59 -12.75
N LEU A 321 8.19 18.43 -12.09
CA LEU A 321 8.58 18.35 -10.69
C LEU A 321 10.06 18.62 -10.39
N ALA A 322 10.95 18.24 -11.30
CA ALA A 322 12.38 18.45 -11.09
C ALA A 322 13.16 17.97 -12.30
N PRO A 323 14.31 18.60 -12.56
CA PRO A 323 15.14 18.23 -13.71
C PRO A 323 15.82 16.86 -13.57
N ASP A 324 15.66 16.25 -12.41
CA ASP A 324 16.24 14.93 -12.15
C ASP A 324 15.22 14.09 -11.42
N VAL A 325 13.95 14.33 -11.73
CA VAL A 325 12.85 13.61 -11.11
C VAL A 325 12.96 12.10 -11.40
N ASP A 326 13.68 11.75 -12.46
CA ASP A 326 13.87 10.36 -12.86
C ASP A 326 15.00 9.66 -12.09
N ARG A 327 15.64 10.37 -11.18
CA ARG A 327 16.72 9.80 -10.40
C ARG A 327 16.29 9.60 -8.95
N LEU A 328 16.93 8.66 -8.27
CA LEU A 328 16.68 8.42 -6.88
C LEU A 328 17.65 9.30 -6.10
N ASP A 329 17.15 10.19 -5.28
CA ASP A 329 18.07 11.03 -4.52
C ASP A 329 17.50 11.28 -3.14
N VAL A 330 17.90 10.45 -2.18
CA VAL A 330 17.38 10.58 -0.82
C VAL A 330 17.70 11.92 -0.13
N THR A 331 18.62 12.69 -0.70
CA THR A 331 19.01 13.98 -0.14
C THR A 331 18.40 15.18 -0.86
N ARG A 332 17.65 14.93 -1.93
CA ARG A 332 17.03 15.98 -2.74
C ARG A 332 16.00 16.80 -1.97
N GLU A 333 15.66 17.96 -2.52
CA GLU A 333 14.63 18.80 -1.94
C GLU A 333 13.37 17.96 -2.12
N PRO A 334 12.75 17.53 -1.02
CA PRO A 334 11.55 16.71 -1.11
C PRO A 334 10.55 17.16 -2.16
N ILE A 335 9.90 16.18 -2.78
CA ILE A 335 8.92 16.40 -3.82
C ILE A 335 7.58 15.87 -3.38
N PRO A 336 6.55 16.73 -3.36
CA PRO A 336 5.21 16.31 -2.92
C PRO A 336 4.61 15.31 -3.91
N HIS A 337 4.91 14.03 -3.70
CA HIS A 337 4.45 12.98 -4.57
C HIS A 337 2.99 12.58 -4.33
N VAL A 338 2.46 11.76 -5.23
CA VAL A 338 1.08 11.31 -5.10
C VAL A 338 0.97 9.80 -4.88
N ALA A 339 2.02 9.20 -4.33
CA ALA A 339 2.00 7.75 -4.12
C ALA A 339 0.95 7.32 -3.10
N PHE A 340 0.59 8.21 -2.18
CA PHE A 340 -0.42 7.91 -1.18
C PHE A 340 -1.77 8.47 -1.61
N GLY A 341 -1.82 8.99 -2.84
CA GLY A 341 -3.07 9.56 -3.31
C GLY A 341 -3.08 11.06 -3.07
N HIS A 342 -4.27 11.61 -3.02
CA HIS A 342 -4.45 13.05 -2.84
C HIS A 342 -5.94 13.29 -2.60
N GLY A 343 -6.25 14.24 -1.73
CA GLY A 343 -7.64 14.56 -1.42
C GLY A 343 -8.16 13.86 -0.18
N VAL A 344 -9.48 13.82 -0.03
CA VAL A 344 -10.10 13.20 1.14
C VAL A 344 -9.78 11.71 1.30
N HIS A 345 -9.45 11.03 0.21
CA HIS A 345 -9.14 9.60 0.27
C HIS A 345 -7.65 9.32 0.51
N HIS A 346 -6.84 10.37 0.68
CA HIS A 346 -5.40 10.19 0.91
C HIS A 346 -5.16 9.03 1.89
N CYS A 347 -4.17 8.19 1.59
CA CYS A 347 -3.89 7.01 2.42
C CYS A 347 -4.01 7.19 3.93
N LEU A 348 -4.98 6.51 4.52
CA LEU A 348 -5.19 6.58 5.96
C LEU A 348 -3.99 6.01 6.73
N GLY A 349 -3.29 5.06 6.13
CA GLY A 349 -2.15 4.47 6.80
C GLY A 349 -0.81 5.02 6.36
N ALA A 350 -0.80 6.22 5.81
CA ALA A 350 0.45 6.80 5.34
C ALA A 350 1.52 6.95 6.42
N ALA A 351 1.14 7.40 7.60
CA ALA A 351 2.14 7.58 8.67
C ALA A 351 2.69 6.22 9.09
N LEU A 352 1.80 5.24 9.23
CA LEU A 352 2.22 3.90 9.59
C LEU A 352 3.18 3.35 8.51
N ALA A 353 2.82 3.52 7.24
CA ALA A 353 3.65 3.03 6.14
C ALA A 353 5.04 3.65 6.21
N ARG A 354 5.11 4.95 6.45
CA ARG A 354 6.41 5.62 6.55
C ARG A 354 7.18 5.14 7.77
N LEU A 355 6.50 4.96 8.89
CA LEU A 355 7.15 4.49 10.12
C LEU A 355 7.66 3.07 9.92
N GLU A 356 6.77 2.24 9.39
CA GLU A 356 7.11 0.84 9.16
C GLU A 356 8.30 0.70 8.25
N LEU A 357 8.26 1.40 7.11
CA LEU A 357 9.35 1.33 6.15
C LEU A 357 10.64 1.93 6.71
N ARG A 358 10.55 3.00 7.48
CA ARG A 358 11.76 3.60 8.06
C ARG A 358 12.43 2.60 9.03
N THR A 359 11.60 1.90 9.80
CA THR A 359 12.08 0.92 10.78
C THR A 359 12.79 -0.25 10.08
N VAL A 360 12.16 -0.79 9.04
CA VAL A 360 12.76 -1.90 8.30
C VAL A 360 14.15 -1.56 7.73
N PHE A 361 14.25 -0.43 7.05
CA PHE A 361 15.51 -0.04 6.45
C PHE A 361 16.57 0.29 7.48
N THR A 362 16.18 0.99 8.54
CA THR A 362 17.14 1.34 9.57
C THR A 362 17.67 0.11 10.29
N GLU A 363 16.78 -0.76 10.76
CA GLU A 363 17.20 -1.96 11.45
C GLU A 363 18.00 -2.86 10.50
N LEU A 364 17.53 -2.99 9.27
CA LEU A 364 18.20 -3.83 8.27
C LEU A 364 19.69 -3.51 8.11
N TRP A 365 20.00 -2.27 7.77
CA TRP A 365 21.39 -1.90 7.59
C TRP A 365 22.20 -1.76 8.86
N ARG A 366 21.53 -1.74 10.00
CA ARG A 366 22.25 -1.64 11.27
C ARG A 366 22.71 -3.06 11.60
N ARG A 367 21.88 -4.03 11.28
CA ARG A 367 22.16 -5.44 11.51
C ARG A 367 23.13 -5.99 10.46
N PHE A 368 22.90 -5.65 9.19
CA PHE A 368 23.73 -6.12 8.08
C PHE A 368 24.35 -4.94 7.33
N PRO A 369 25.33 -4.29 7.95
CA PRO A 369 26.04 -3.14 7.37
C PRO A 369 26.55 -3.38 5.95
N ALA A 370 27.08 -4.58 5.71
CA ALA A 370 27.63 -4.92 4.39
C ALA A 370 26.65 -5.61 3.45
N LEU A 371 25.36 -5.39 3.67
CA LEU A 371 24.34 -6.01 2.84
C LEU A 371 24.62 -5.75 1.37
N ARG A 372 24.35 -6.75 0.53
CA ARG A 372 24.58 -6.62 -0.90
C ARG A 372 23.88 -7.73 -1.64
N LEU A 373 23.77 -7.61 -2.95
CA LEU A 373 23.13 -8.65 -3.74
C LEU A 373 24.04 -9.87 -3.69
N ALA A 374 23.44 -11.05 -3.51
CA ALA A 374 24.23 -12.28 -3.46
C ALA A 374 25.06 -12.38 -4.75
N ASP A 375 24.43 -12.01 -5.87
CA ASP A 375 25.11 -12.05 -7.16
C ASP A 375 24.80 -10.78 -7.95
N PRO A 376 25.81 -9.90 -8.11
CA PRO A 376 25.67 -8.63 -8.83
C PRO A 376 24.97 -8.73 -10.18
N ALA A 377 25.19 -9.85 -10.87
CA ALA A 377 24.59 -10.05 -12.18
C ALA A 377 23.34 -10.92 -12.15
N GLN A 378 22.79 -11.13 -10.96
CA GLN A 378 21.58 -11.93 -10.86
C GLN A 378 20.43 -11.17 -11.50
N ASP A 379 19.48 -11.89 -12.07
CA ASP A 379 18.32 -11.27 -12.70
C ASP A 379 17.40 -10.74 -11.62
N THR A 380 16.58 -9.77 -11.96
CA THR A 380 15.67 -9.23 -10.97
C THR A 380 14.33 -9.91 -11.17
N GLU A 381 13.80 -10.45 -10.08
CA GLU A 381 12.52 -11.13 -10.09
C GLU A 381 11.38 -10.21 -9.67
N PHE A 382 10.84 -9.47 -10.64
CA PHE A 382 9.76 -8.54 -10.36
C PHE A 382 8.42 -9.24 -10.16
N ARG A 383 7.62 -8.66 -9.28
CA ARG A 383 6.31 -9.18 -8.95
C ARG A 383 5.32 -8.47 -9.85
N LEU A 384 4.87 -9.15 -10.91
CA LEU A 384 3.97 -8.56 -11.89
C LEU A 384 2.50 -8.93 -11.78
N THR A 385 2.15 -9.76 -10.81
CA THR A 385 0.76 -10.19 -10.68
C THR A 385 -0.03 -9.54 -9.55
N THR A 386 0.51 -8.48 -8.95
CA THR A 386 -0.18 -7.83 -7.85
C THR A 386 -0.53 -6.37 -8.14
N PRO A 387 -1.54 -5.84 -7.44
CA PRO A 387 -2.00 -4.45 -7.60
C PRO A 387 -0.86 -3.47 -7.34
N ALA A 388 0.20 -3.94 -6.68
CA ALA A 388 1.36 -3.11 -6.40
C ALA A 388 2.63 -3.79 -6.90
N TYR A 389 3.50 -3.02 -7.56
CA TYR A 389 4.78 -3.52 -8.06
C TYR A 389 5.61 -3.98 -6.88
N GLY A 390 6.52 -4.93 -7.12
CA GLY A 390 7.37 -5.43 -6.07
C GLY A 390 8.34 -6.48 -6.62
N LEU A 391 8.86 -7.33 -5.74
CA LEU A 391 9.78 -8.40 -6.11
C LEU A 391 9.25 -9.71 -5.53
N THR A 392 9.54 -10.84 -6.17
CA THR A 392 9.10 -12.14 -5.65
C THR A 392 10.24 -12.79 -4.90
N GLU A 393 11.45 -12.35 -5.21
CA GLU A 393 12.64 -12.88 -4.55
C GLU A 393 13.76 -11.86 -4.65
N LEU A 394 14.67 -11.90 -3.68
CA LEU A 394 15.83 -11.02 -3.68
C LEU A 394 16.89 -11.63 -2.80
N MET A 395 17.87 -12.28 -3.43
CA MET A 395 18.97 -12.94 -2.72
C MET A 395 20.02 -11.92 -2.33
N VAL A 396 20.31 -11.85 -1.05
CA VAL A 396 21.29 -10.89 -0.58
C VAL A 396 22.34 -11.59 0.27
N ALA A 397 23.50 -10.98 0.38
CA ALA A 397 24.60 -11.52 1.18
C ALA A 397 25.03 -10.39 2.13
N TRP A 398 25.75 -10.75 3.19
CA TRP A 398 26.22 -9.76 4.16
C TRP A 398 27.42 -10.30 4.92
CHA HEM B . -5.71 4.63 0.41
CHB HEM B . -1.24 4.09 -1.19
CHC HEM B . -0.06 1.65 2.88
CHD HEM B . -4.63 1.97 4.30
C1A HEM B . -4.63 4.70 -0.41
C2A HEM B . -4.58 5.43 -1.63
C3A HEM B . -3.33 5.21 -2.16
C4A HEM B . -2.59 4.40 -1.17
CMA HEM B . -2.77 5.68 -3.49
CAA HEM B . -5.70 6.31 -2.16
CBA HEM B . -6.54 5.52 -3.15
CGA HEM B . -7.58 6.37 -3.83
O1A HEM B . -8.36 5.83 -4.63
O2A HEM B . -7.60 7.58 -3.57
C1B HEM B . -0.55 3.38 -0.21
C2B HEM B . 0.89 3.11 -0.28
C3B HEM B . 1.22 2.42 0.88
C4B HEM B . -0.02 2.28 1.64
CMB HEM B . 1.92 3.52 -1.39
CAB HEM B . 2.47 1.85 1.20
CBB HEM B . 3.73 2.40 0.94
C1C HEM B . -1.21 1.49 3.64
C2C HEM B . -1.25 0.87 4.95
C3C HEM B . -2.57 0.89 5.29
C4C HEM B . -3.28 1.56 4.24
CMC HEM B . -0.01 0.34 5.71
CAC HEM B . -3.21 0.40 6.44
CBC HEM B . -2.60 0.38 7.68
C1D HEM B . -5.30 2.73 3.35
C2D HEM B . -6.73 3.04 3.44
C3D HEM B . -6.99 3.84 2.39
C4D HEM B . -5.75 3.98 1.63
CMD HEM B . -7.79 2.61 4.46
CAD HEM B . -8.38 4.48 2.09
CBD HEM B . -8.59 5.85 2.70
CGD HEM B . -9.89 6.51 2.23
O1D HEM B . -10.28 7.53 2.83
O2D HEM B . -10.51 5.99 1.26
NA HEM B . -3.42 4.11 -0.11
NB HEM B . -1.12 2.87 0.99
NC HEM B . -2.46 1.92 3.24
ND HEM B . -4.70 3.28 2.21
FE HEM B . -2.92 3.07 1.64
#